data_2ZNK
#
_entry.id   2ZNK
#
_cell.length_a   70.2
_cell.length_b   71.6
_cell.length_c   72.5
_cell.angle_alpha   90.00
_cell.angle_beta   100.5
_cell.angle_gamma   90.00
#
_symmetry.space_group_name_H-M   'C 1 2 1'
#
loop_
_entity.id
_entity.type
_entity.pdbx_description
1 polymer 'Thrombin light chain'
2 polymer 'Thrombin heavy chain'
3 polymer 'Hirudin variant-1'
4 non-polymer D-leucyl-N-(4-carbamimidoylbenzyl)-L-prolinamide
5 non-polymer 'SODIUM ION'
6 water water
#
loop_
_entity_poly.entity_id
_entity_poly.type
_entity_poly.pdbx_seq_one_letter_code
_entity_poly.pdbx_strand_id
1 'polypeptide(L)' TFGSGEADCGLRPLFEKKSLEDKTERELLESYIDGR L
2 'polypeptide(L)'
;IVEGSDAEIGMSPWQVMLFRKSPQELLCGASLISDRWVLTAAHCLLYPPWDKNFTENDLLVRIGKHSRTRYERNIEKISM
LEKIYIHPRYNWRENLDRDIALMKLKKPVAFSDYIHPVCLPDRETAASLLQAGYKGRVTGWGNLKETWTANVGKGQPSVL
QVVNLPIVERPVCKDSTRIRITDNMFCAGYKPDEGKRGDACEGDSGGPFVMKSPFNNRWYQMGIVSWGEGCDRDGKYGFY
THVFRLKKWIQKVIDQFGE
;
H
3 'polypeptide(L)' GDFEEIPEE(TYS)L I
#
loop_
_chem_comp.id
_chem_comp.type
_chem_comp.name
_chem_comp.formula
31U non-polymer D-leucyl-N-(4-carbamimidoylbenzyl)-L-prolinamide 'C19 H29 N5 O2'
NA non-polymer 'SODIUM ION' 'Na 1'
#
# COMPACT_ATOMS: atom_id res chain seq x y z
N GLU A 6 -0.92 -16.96 -0.88
CA GLU A 6 -0.59 -18.37 -0.76
C GLU A 6 -0.90 -18.91 0.64
N ALA A 7 -0.46 -20.14 0.83
CA ALA A 7 -0.63 -20.88 2.07
C ALA A 7 -0.38 -20.03 3.31
N ASP A 8 0.74 -19.32 3.37
CA ASP A 8 1.10 -18.63 4.60
C ASP A 8 0.98 -17.11 4.48
N CYS A 9 0.24 -16.65 3.46
CA CYS A 9 0.15 -15.20 3.31
C CYS A 9 -0.33 -14.55 4.58
N GLY A 10 0.06 -13.33 4.87
CA GLY A 10 -0.55 -12.55 5.91
C GLY A 10 -0.21 -12.87 7.35
N LEU A 11 0.70 -13.80 7.59
CA LEU A 11 1.23 -14.19 8.88
C LEU A 11 2.69 -13.72 8.93
N ARG A 12 2.91 -12.74 9.78
CA ARG A 12 4.24 -12.12 9.76
C ARG A 12 5.21 -12.96 10.60
N PRO A 13 6.39 -13.24 10.10
CA PRO A 13 7.40 -14.00 10.90
C PRO A 13 7.67 -13.42 12.25
N LEU A 14 7.69 -12.10 12.43
CA LEU A 14 8.14 -11.54 13.70
C LEU A 14 6.97 -11.25 14.64
N PHE A 15 5.76 -11.54 14.22
CA PHE A 15 4.55 -11.27 15.01
C PHE A 15 3.66 -12.48 15.03
N GLU A 16 2.72 -12.68 14.09
CA GLU A 16 1.85 -13.84 14.18
C GLU A 16 2.59 -15.16 14.32
N LYS A 17 3.69 -15.30 13.60
CA LYS A 17 4.34 -16.62 13.58
C LYS A 17 4.97 -16.96 14.93
N LYS A 18 5.24 -15.98 15.76
CA LYS A 18 5.79 -16.02 17.10
C LYS A 18 4.78 -15.73 18.18
N SER A 19 3.52 -15.52 17.82
CA SER A 19 2.46 -15.10 18.73
C SER A 19 2.82 -13.84 19.49
N LEU A 20 3.40 -12.88 18.77
CA LEU A 20 3.70 -11.56 19.30
C LEU A 20 2.75 -10.56 18.60
N GLU A 21 2.19 -9.64 19.32
CA GLU A 21 1.37 -8.54 18.82
C GLU A 21 2.18 -7.28 18.64
N ASP A 22 1.85 -6.55 17.57
CA ASP A 22 2.50 -5.25 17.40
C ASP A 22 1.78 -4.23 18.28
N LYS A 23 2.37 -3.05 18.41
CA LYS A 23 1.86 -2.07 19.34
C LYS A 23 0.50 -1.51 19.04
N THR A 24 -0.06 -1.58 17.83
CA THR A 24 -1.38 -0.96 17.69
C THR A 24 -2.39 -1.86 16.96
N GLU A 25 -2.08 -3.13 16.71
CA GLU A 25 -3.05 -3.99 16.01
C GLU A 25 -4.34 -4.14 16.81
N ARG A 26 -4.24 -3.92 18.13
CA ARG A 26 -5.42 -4.13 18.91
C ARG A 26 -6.50 -3.07 18.66
N GLU A 27 -6.04 -1.86 18.31
CA GLU A 27 -6.93 -0.78 17.88
C GLU A 27 -7.76 -1.21 16.68
N LEU A 28 -7.16 -1.94 15.73
CA LEU A 28 -7.97 -2.50 14.65
C LEU A 28 -8.98 -3.51 15.15
N LEU A 29 -8.56 -4.53 15.91
N LEU A 29 -8.54 -4.51 15.92
CA LEU A 29 -9.48 -5.51 16.50
CA LEU A 29 -9.42 -5.52 16.49
C LEU A 29 -10.68 -4.81 17.15
C LEU A 29 -10.62 -4.86 17.20
N GLU A 30 -10.34 -3.83 17.98
CA GLU A 30 -11.43 -3.20 18.75
C GLU A 30 -12.42 -2.45 17.89
N SER A 31 -12.07 -2.05 16.67
CA SER A 31 -13.02 -1.39 15.77
C SER A 31 -13.90 -2.37 15.01
N TYR A 32 -13.62 -3.68 15.07
CA TYR A 32 -14.34 -4.71 14.32
C TYR A 32 -15.47 -5.23 15.19
N ILE A 33 -16.48 -4.39 15.38
CA ILE A 33 -17.49 -4.51 16.43
C ILE A 33 -18.70 -5.32 15.97
N ILE B 1 3.21 9.57 4.98
CA ILE B 1 2.20 9.39 5.98
C ILE B 1 2.19 10.56 6.95
N VAL B 2 1.03 11.15 7.12
CA VAL B 2 0.88 12.32 8.00
C VAL B 2 0.24 11.90 9.32
N GLU B 3 0.93 12.29 10.41
CA GLU B 3 0.45 12.01 11.76
C GLU B 3 0.41 10.51 12.08
N GLY B 4 1.38 9.80 11.50
CA GLY B 4 1.56 8.39 11.79
C GLY B 4 2.66 8.17 12.82
N SER B 5 3.21 6.98 12.88
CA SER B 5 4.36 6.67 13.72
CA SER B 5 4.35 6.65 13.73
C SER B 5 5.36 5.81 12.97
N ASP B 6 6.57 5.68 13.53
CA ASP B 6 7.55 4.78 12.96
C ASP B 6 7.03 3.34 13.04
N ALA B 7 7.22 2.59 11.97
CA ALA B 7 6.85 1.19 12.06
C ALA B 7 7.79 0.41 12.97
N GLU B 8 7.33 -0.69 13.53
CA GLU B 8 8.18 -1.68 14.17
C GLU B 8 8.91 -2.52 13.15
N ILE B 9 10.06 -3.08 13.51
CA ILE B 9 10.71 -4.01 12.56
C ILE B 9 9.84 -5.21 12.23
N GLY B 10 9.74 -5.56 10.94
CA GLY B 10 8.91 -6.65 10.50
C GLY B 10 7.41 -6.45 10.59
N MET B 11 6.92 -5.23 10.85
CA MET B 11 5.49 -4.98 11.04
C MET B 11 4.70 -5.05 9.73
N SER B 12 5.38 -4.77 8.62
CA SER B 12 4.72 -4.74 7.30
C SER B 12 5.62 -5.38 6.27
N PRO B 13 5.83 -6.69 6.40
CA PRO B 13 6.91 -7.33 5.63
C PRO B 13 6.51 -7.51 4.17
N TRP B 14 5.29 -7.12 3.83
CA TRP B 14 4.83 -7.06 2.46
C TRP B 14 5.08 -5.70 1.83
N GLN B 15 5.57 -4.71 2.55
CA GLN B 15 5.83 -3.36 2.06
C GLN B 15 6.94 -3.39 1.01
N VAL B 16 6.61 -2.79 -0.12
CA VAL B 16 7.57 -2.68 -1.22
C VAL B 16 7.83 -1.22 -1.50
N MET B 17 9.08 -0.86 -1.84
CA MET B 17 9.39 0.49 -2.28
C MET B 17 9.65 0.44 -3.78
N LEU B 18 8.94 1.23 -4.57
CA LEU B 18 9.30 1.38 -5.97
C LEU B 18 10.34 2.49 -6.09
N PHE B 19 11.43 2.15 -6.76
CA PHE B 19 12.63 2.97 -6.74
C PHE B 19 13.05 3.35 -8.15
N ARG B 20 13.23 4.65 -8.37
CA ARG B 20 13.66 5.08 -9.71
C ARG B 20 15.18 4.90 -9.81
N LYS B 21 15.65 4.25 -10.87
CA LYS B 21 17.03 3.92 -11.17
C LYS B 21 17.94 5.14 -11.38
N SER B 22 17.47 6.12 -12.14
CA SER B 22 18.19 7.36 -12.36
C SER B 22 17.22 8.49 -12.69
N PRO B 23 17.08 9.53 -11.87
CA PRO B 23 17.85 9.72 -10.64
C PRO B 23 17.30 8.83 -9.54
N GLN B 24 18.18 8.34 -8.69
CA GLN B 24 17.81 7.31 -7.71
C GLN B 24 16.93 7.95 -6.65
N GLU B 25 15.64 7.63 -6.70
CA GLU B 25 14.72 8.22 -5.74
C GLU B 25 13.49 7.32 -5.51
N LEU B 26 12.80 7.59 -4.43
CA LEU B 26 11.54 6.89 -4.17
C LEU B 26 10.53 7.25 -5.25
N LEU B 27 9.80 6.28 -5.79
CA LEU B 27 8.71 6.68 -6.68
C LEU B 27 7.35 6.48 -6.02
N CYS B 28 7.22 5.32 -5.39
CA CYS B 28 5.92 4.96 -4.82
C CYS B 28 6.09 3.81 -3.83
N GLY B 29 4.98 3.49 -3.17
CA GLY B 29 4.90 2.24 -2.43
C GLY B 29 4.22 1.19 -3.28
N ALA B 30 4.13 0.00 -2.68
CA ALA B 30 3.66 -1.18 -3.31
C ALA B 30 3.61 -2.34 -2.29
N SER B 31 3.11 -3.48 -2.73
CA SER B 31 2.96 -4.60 -1.82
C SER B 31 3.33 -5.91 -2.50
N LEU B 32 3.93 -6.77 -1.67
CA LEU B 32 4.25 -8.11 -2.15
C LEU B 32 3.09 -9.05 -1.97
N ILE B 33 2.64 -9.72 -3.03
CA ILE B 33 1.47 -10.58 -2.96
C ILE B 33 1.85 -12.04 -3.24
N SER B 34 3.09 -12.30 -3.65
CA SER B 34 3.62 -13.66 -3.70
C SER B 34 5.10 -13.54 -3.99
N ASP B 35 5.77 -14.68 -4.26
CA ASP B 35 7.22 -14.56 -4.43
C ASP B 35 7.63 -13.89 -5.71
N ARG B 36 6.74 -13.67 -6.68
CA ARG B 36 7.12 -12.92 -7.88
C ARG B 36 6.13 -11.83 -8.29
N TRP B 37 5.11 -11.51 -7.51
CA TRP B 37 4.17 -10.49 -7.96
C TRP B 37 4.05 -9.36 -6.92
N VAL B 38 4.10 -8.14 -7.40
CA VAL B 38 3.97 -6.91 -6.61
C VAL B 38 2.77 -6.12 -7.14
N LEU B 39 1.98 -5.62 -6.20
CA LEU B 39 0.77 -4.86 -6.48
C LEU B 39 1.05 -3.39 -6.20
N THR B 40 0.58 -2.48 -7.05
CA THR B 40 0.74 -1.07 -6.84
C THR B 40 -0.40 -0.26 -7.47
N ALA B 41 -0.25 1.04 -7.43
CA ALA B 41 -1.24 1.95 -8.09
C ALA B 41 -0.86 2.17 -9.54
N ALA B 42 -1.82 2.16 -10.45
CA ALA B 42 -1.47 2.43 -11.85
C ALA B 42 -0.81 3.78 -12.03
N HIS B 43 -1.27 4.79 -11.30
CA HIS B 43 -0.80 6.15 -11.46
C HIS B 43 0.68 6.26 -11.11
N CYS B 44 1.23 5.33 -10.35
CA CYS B 44 2.65 5.30 -10.05
C CYS B 44 3.48 5.09 -11.31
N LEU B 45 2.84 4.44 -12.27
CA LEU B 45 3.53 3.98 -13.46
C LEU B 45 3.07 4.76 -14.69
N LEU B 46 1.81 5.18 -14.69
CA LEU B 46 1.29 5.89 -15.86
C LEU B 46 0.39 7.03 -15.42
N TYR B 47 0.79 8.27 -15.74
CA TYR B 47 -0.02 9.43 -15.48
C TYR B 47 0.35 10.56 -16.45
N PRO B 48 -0.23 10.44 -17.65
CA PRO B 48 0.05 11.39 -18.74
C PRO B 48 -0.09 12.83 -18.37
N PRO B 49 -1.00 13.32 -17.54
CA PRO B 49 -0.97 14.75 -17.23
C PRO B 49 0.36 15.24 -16.68
N TRP B 50 1.08 14.34 -16.05
CA TRP B 50 2.36 14.68 -15.46
C TRP B 50 3.52 14.10 -16.26
N ASP B 51 3.20 13.70 -17.48
CA ASP B 51 4.17 13.06 -18.35
C ASP B 51 4.88 11.90 -17.67
N LYS B 52 4.10 11.14 -16.91
CA LYS B 52 4.63 9.93 -16.29
C LYS B 52 4.19 8.69 -17.07
N ASN B 53 5.17 7.92 -17.49
CA ASN B 53 5.01 6.68 -18.24
C ASN B 53 6.25 5.80 -18.08
N PHE B 54 6.36 5.06 -16.99
CA PHE B 54 7.56 4.27 -16.79
C PHE B 54 7.52 2.90 -17.44
N THR B 55 8.72 2.47 -17.83
CA THR B 55 8.83 1.10 -18.36
C THR B 55 9.59 0.26 -17.33
N GLU B 56 9.47 -1.05 -17.47
CA GLU B 56 10.12 -2.03 -16.61
C GLU B 56 11.54 -1.62 -16.28
N ASN B 57 12.31 -1.23 -17.30
CA ASN B 57 13.75 -0.99 -17.09
C ASN B 57 14.06 0.36 -16.47
N ASP B 58 13.04 1.17 -16.17
CA ASP B 58 13.22 2.42 -15.46
C ASP B 58 13.31 2.22 -13.96
N LEU B 59 12.90 1.03 -13.54
CA LEU B 59 12.53 0.79 -12.16
C LEU B 59 13.21 -0.39 -11.48
N LEU B 60 13.29 -0.27 -10.16
CA LEU B 60 13.58 -1.41 -9.27
C LEU B 60 12.55 -1.53 -8.14
N VAL B 61 12.36 -2.76 -7.67
CA VAL B 61 11.57 -3.06 -6.47
C VAL B 61 12.47 -3.34 -5.28
N ARG B 62 12.28 -2.67 -4.14
CA ARG B 62 13.09 -2.97 -2.97
C ARG B 62 12.19 -3.48 -1.82
N ILE B 63 12.50 -4.67 -1.37
CA ILE B 63 11.64 -5.44 -0.46
C ILE B 63 12.37 -5.72 0.85
N GLY B 64 11.62 -5.72 1.95
CA GLY B 64 12.19 -5.91 3.27
C GLY B 64 12.70 -4.67 3.93
N LYS B 65 12.35 -3.48 3.43
CA LYS B 65 12.93 -2.25 3.91
C LYS B 65 12.21 -1.69 5.12
N HIS B 66 12.98 -0.91 5.83
CA HIS B 66 12.59 -0.11 6.98
C HIS B 66 13.01 1.33 6.73
N SER B 67 14.33 1.52 6.70
CA SER B 67 14.88 2.82 6.40
C SER B 67 14.50 3.24 4.96
N ARG B 68 14.15 4.51 4.85
CA ARG B 68 13.82 5.16 3.58
C ARG B 68 15.03 5.21 2.68
N THR B 69 16.07 5.93 3.15
CA THR B 69 17.18 6.25 2.24
C THR B 69 18.33 5.26 2.26
N ARG B 70 18.47 4.53 3.36
CA ARG B 70 19.66 3.71 3.56
C ARG B 70 19.63 2.43 2.74
N TYR B 71 20.78 1.95 2.28
CA TYR B 71 20.90 0.62 1.70
C TYR B 71 21.01 -0.38 2.86
N GLU B 72 20.04 -1.29 2.95
CA GLU B 72 19.86 -2.15 4.14
C GLU B 72 20.40 -3.53 3.88
N ARG B 73 21.75 -3.48 4.00
CA ARG B 73 22.54 -4.64 3.65
C ARG B 73 22.15 -5.88 4.46
N ASN B 74 22.01 -7.01 3.83
CA ASN B 74 21.74 -8.28 4.45
C ASN B 74 20.26 -8.37 4.82
N ILE B 75 19.49 -7.38 4.41
CA ILE B 75 18.10 -7.35 4.85
C ILE B 75 17.17 -7.09 3.68
N GLU B 76 17.34 -5.94 3.03
CA GLU B 76 16.46 -5.71 1.87
C GLU B 76 16.93 -6.57 0.72
N LYS B 77 16.01 -6.84 -0.21
CA LYS B 77 16.29 -7.48 -1.47
C LYS B 77 15.83 -6.56 -2.60
N ILE B 78 16.62 -6.50 -3.67
CA ILE B 78 16.28 -5.57 -4.77
C ILE B 78 16.00 -6.38 -6.03
N SER B 79 14.84 -6.18 -6.67
CA SER B 79 14.43 -7.05 -7.76
C SER B 79 14.15 -6.22 -9.01
N MET B 80 14.41 -6.85 -10.15
CA MET B 80 14.11 -6.26 -11.44
C MET B 80 12.73 -6.69 -11.94
N LEU B 81 12.13 -5.79 -12.72
CA LEU B 81 10.83 -6.08 -13.29
C LEU B 81 10.96 -6.81 -14.63
N GLU B 82 10.25 -7.91 -14.73
CA GLU B 82 10.02 -8.64 -15.96
C GLU B 82 8.89 -7.99 -16.73
N LYS B 83 7.77 -7.64 -16.07
CA LYS B 83 6.68 -7.05 -16.84
C LYS B 83 5.71 -6.25 -15.98
N ILE B 84 5.22 -5.15 -16.54
CA ILE B 84 4.19 -4.33 -15.90
C ILE B 84 2.84 -4.57 -16.57
N TYR B 85 1.77 -4.71 -15.77
CA TYR B 85 0.40 -4.83 -16.20
C TYR B 85 -0.47 -3.77 -15.55
N ILE B 86 -0.97 -2.85 -16.35
CA ILE B 86 -1.87 -1.81 -15.84
C ILE B 86 -3.31 -2.14 -16.18
N HIS B 87 -4.29 -1.90 -15.31
CA HIS B 87 -5.69 -2.19 -15.59
C HIS B 87 -6.09 -1.54 -16.92
N PRO B 88 -6.66 -2.29 -17.85
CA PRO B 88 -6.99 -1.75 -19.19
C PRO B 88 -8.00 -0.61 -19.21
N ARG B 89 -8.77 -0.34 -18.22
CA ARG B 89 -9.80 0.63 -17.92
C ARG B 89 -9.42 1.54 -16.76
N TYR B 90 -8.17 1.57 -16.35
CA TYR B 90 -7.66 2.65 -15.49
C TYR B 90 -8.01 4.01 -16.06
N ASN B 91 -8.69 4.84 -15.29
CA ASN B 91 -9.16 6.15 -15.70
C ASN B 91 -8.25 7.28 -15.21
N TRP B 92 -7.16 7.51 -15.93
CA TRP B 92 -6.21 8.56 -15.59
C TRP B 92 -6.75 9.93 -16.06
N ARG B 93 -7.75 9.89 -16.91
CA ARG B 93 -8.19 11.19 -17.49
C ARG B 93 -9.02 11.96 -16.50
N GLU B 94 -9.77 11.23 -15.66
CA GLU B 94 -10.72 11.87 -14.74
C GLU B 94 -10.50 11.61 -13.26
N ASN B 95 -10.84 10.40 -12.76
CA ASN B 95 -10.86 10.27 -11.30
C ASN B 95 -9.98 9.14 -10.78
N LEU B 96 -9.11 8.59 -11.60
CA LEU B 96 -8.24 7.46 -11.18
C LEU B 96 -9.06 6.23 -10.84
N ASP B 97 -10.24 6.11 -11.46
CA ASP B 97 -10.98 4.86 -11.32
C ASP B 97 -10.13 3.66 -11.76
N ARG B 98 -10.17 2.56 -11.01
CA ARG B 98 -9.43 1.34 -11.29
C ARG B 98 -7.92 1.59 -11.27
N ASP B 99 -7.45 2.24 -10.19
CA ASP B 99 -6.08 2.66 -10.02
C ASP B 99 -5.25 1.50 -9.46
N ILE B 100 -4.92 0.57 -10.35
CA ILE B 100 -4.28 -0.67 -9.94
C ILE B 100 -3.37 -1.17 -11.06
N ALA B 101 -2.25 -1.73 -10.66
CA ALA B 101 -1.30 -2.36 -11.59
C ALA B 101 -0.57 -3.52 -10.91
N LEU B 102 -0.15 -4.50 -11.69
CA LEU B 102 0.70 -5.61 -11.26
C LEU B 102 2.09 -5.51 -11.88
N MET B 103 3.07 -5.92 -11.07
CA MET B 103 4.43 -6.00 -11.60
C MET B 103 4.94 -7.43 -11.34
N LYS B 104 5.42 -8.07 -12.41
CA LYS B 104 5.98 -9.41 -12.34
C LYS B 104 7.49 -9.29 -12.21
N LEU B 105 8.11 -9.96 -11.23
CA LEU B 105 9.54 -9.90 -10.97
C LEU B 105 10.34 -10.86 -11.85
N LYS B 106 11.55 -10.45 -12.21
CA LYS B 106 12.45 -11.26 -13.02
C LYS B 106 12.74 -12.59 -12.34
N LYS B 107 12.99 -12.57 -11.04
CA LYS B 107 13.23 -13.78 -10.27
C LYS B 107 12.46 -13.83 -8.95
N PRO B 108 12.11 -14.98 -8.44
CA PRO B 108 11.35 -15.02 -7.17
C PRO B 108 12.17 -14.49 -6.01
N VAL B 109 11.55 -13.67 -5.17
CA VAL B 109 12.24 -13.11 -4.01
C VAL B 109 12.19 -14.13 -2.87
N ALA B 110 13.26 -14.14 -2.07
CA ALA B 110 13.34 -15.09 -0.97
C ALA B 110 12.67 -14.49 0.26
N PHE B 111 11.75 -15.27 0.84
CA PHE B 111 11.06 -14.76 2.02
C PHE B 111 12.01 -14.84 3.22
N SER B 112 11.73 -14.01 4.20
CA SER B 112 12.56 -13.81 5.37
C SER B 112 11.76 -13.24 6.53
N ASP B 113 12.43 -12.90 7.62
CA ASP B 113 11.73 -12.26 8.74
C ASP B 113 11.13 -10.92 8.31
N TYR B 114 11.72 -10.33 7.29
CA TYR B 114 11.40 -8.99 6.84
C TYR B 114 10.65 -8.95 5.51
N ILE B 115 10.49 -10.07 4.85
CA ILE B 115 9.92 -10.18 3.51
C ILE B 115 8.92 -11.32 3.53
N HIS B 116 7.63 -10.96 3.38
CA HIS B 116 6.54 -11.93 3.42
C HIS B 116 5.29 -11.39 2.75
N PRO B 117 4.55 -12.20 2.00
CA PRO B 117 3.40 -11.66 1.27
C PRO B 117 2.17 -11.43 2.15
N VAL B 118 1.38 -10.46 1.74
CA VAL B 118 0.09 -10.12 2.35
C VAL B 118 -0.99 -10.92 1.63
N CYS B 119 -2.14 -11.17 2.23
CA CYS B 119 -3.22 -11.86 1.57
C CYS B 119 -4.11 -10.90 0.79
N LEU B 120 -4.73 -11.42 -0.25
CA LEU B 120 -5.75 -10.63 -0.96
C LEU B 120 -7.10 -11.18 -0.55
N PRO B 121 -8.08 -10.30 -0.31
CA PRO B 121 -9.36 -10.69 0.28
C PRO B 121 -10.20 -11.56 -0.66
N ASP B 122 -10.92 -12.48 -0.04
CA ASP B 122 -11.95 -13.21 -0.77
C ASP B 122 -13.27 -12.52 -0.45
N ARG B 123 -14.37 -12.88 -1.07
CA ARG B 123 -15.60 -12.07 -0.97
C ARG B 123 -16.11 -11.91 0.45
N GLU B 124 -15.97 -12.99 1.22
CA GLU B 124 -16.52 -13.01 2.58
C GLU B 124 -15.72 -12.09 3.49
N THR B 125 -14.40 -12.21 3.41
CA THR B 125 -13.57 -11.29 4.22
C THR B 125 -13.87 -9.85 3.89
N ALA B 126 -14.02 -9.53 2.61
CA ALA B 126 -14.27 -8.13 2.26
C ALA B 126 -15.63 -7.68 2.75
N ALA B 127 -16.60 -8.58 2.61
CA ALA B 127 -17.93 -8.17 3.08
C ALA B 127 -17.88 -7.93 4.56
N SER B 128 -17.13 -8.79 5.26
CA SER B 128 -17.16 -8.64 6.73
C SER B 128 -16.38 -7.42 7.22
N LEU B 129 -15.28 -7.09 6.53
CA LEU B 129 -14.39 -6.05 7.04
C LEU B 129 -14.55 -4.67 6.45
N LEU B 130 -15.09 -4.57 5.23
CA LEU B 130 -15.20 -3.25 4.63
C LEU B 130 -16.48 -2.54 5.04
N GLN B 131 -16.50 -2.09 6.27
CA GLN B 131 -17.60 -1.45 6.94
C GLN B 131 -17.14 -0.14 7.57
N ALA B 132 -17.99 0.87 7.39
CA ALA B 132 -17.74 2.16 8.01
C ALA B 132 -17.38 1.97 9.47
N GLY B 133 -16.32 2.61 9.92
CA GLY B 133 -15.82 2.65 11.27
C GLY B 133 -14.76 1.60 11.59
N TYR B 134 -14.72 0.52 10.82
CA TYR B 134 -13.69 -0.50 10.94
C TYR B 134 -12.35 0.11 10.53
N LYS B 135 -11.28 -0.12 11.26
CA LYS B 135 -9.99 0.47 10.92
C LYS B 135 -9.10 -0.49 10.13
N GLY B 136 -8.35 0.11 9.21
CA GLY B 136 -7.26 -0.53 8.50
C GLY B 136 -5.99 0.24 8.79
N ARG B 137 -4.90 -0.20 8.16
CA ARG B 137 -3.59 0.37 8.41
C ARG B 137 -2.90 0.75 7.12
N VAL B 138 -2.30 1.94 7.08
CA VAL B 138 -1.61 2.31 5.85
C VAL B 138 -0.16 2.55 6.20
N THR B 139 0.73 2.22 5.28
CA THR B 139 2.16 2.35 5.53
C THR B 139 2.83 2.98 4.34
N GLY B 140 3.91 3.72 4.65
CA GLY B 140 4.68 4.21 3.52
C GLY B 140 5.83 5.12 3.94
N TRP B 141 6.62 5.48 2.95
CA TRP B 141 7.72 6.43 3.12
C TRP B 141 7.46 7.79 2.51
N GLY B 142 6.19 8.12 2.31
CA GLY B 142 5.82 9.41 1.73
C GLY B 142 5.93 10.56 2.69
N ASN B 143 5.60 11.76 2.20
CA ASN B 143 5.66 12.97 2.99
C ASN B 143 4.98 12.88 4.35
N LEU B 144 5.64 13.53 5.32
CA LEU B 144 5.10 13.63 6.66
C LEU B 144 4.10 14.76 6.81
N LYS B 145 4.15 15.67 5.82
CA LYS B 145 3.19 16.77 5.83
C LYS B 145 2.89 17.19 4.37
N GLU B 146 1.77 17.85 4.28
CA GLU B 146 1.33 18.61 3.12
C GLU B 146 1.96 19.99 3.17
N THR B 147 3.06 20.21 2.46
CA THR B 147 3.69 21.53 2.60
C THR B 147 3.34 22.42 1.41
N GLY B 155 8.70 16.76 6.70
CA GLY B 155 9.30 16.54 5.39
C GLY B 155 9.22 15.07 4.99
N GLN B 156 10.35 14.38 4.86
CA GLN B 156 10.39 12.95 4.56
C GLN B 156 10.90 12.15 5.76
N PRO B 157 10.36 10.97 6.01
CA PRO B 157 10.73 10.18 7.19
C PRO B 157 12.04 9.41 7.06
N SER B 158 12.66 9.14 8.23
CA SER B 158 13.83 8.30 8.18
C SER B 158 13.50 6.83 8.06
N VAL B 159 12.36 6.44 8.64
CA VAL B 159 11.95 5.05 8.50
C VAL B 159 10.47 4.93 8.09
N LEU B 160 10.06 3.76 7.69
CA LEU B 160 8.66 3.46 7.34
C LEU B 160 7.69 3.91 8.40
N GLN B 161 6.63 4.55 7.93
CA GLN B 161 5.63 5.10 8.81
C GLN B 161 4.34 4.28 8.71
N VAL B 162 3.57 4.30 9.77
CA VAL B 162 2.32 3.56 9.90
C VAL B 162 1.23 4.44 10.50
N VAL B 163 0.02 4.27 9.98
CA VAL B 163 -1.12 4.92 10.64
C VAL B 163 -2.37 4.06 10.47
N ASN B 164 -3.17 3.96 11.52
CA ASN B 164 -4.46 3.29 11.45
C ASN B 164 -5.63 4.28 11.30
N LEU B 165 -6.52 3.94 10.38
CA LEU B 165 -7.61 4.83 9.94
C LEU B 165 -8.90 4.06 9.70
N PRO B 166 -10.00 4.66 10.15
CA PRO B 166 -11.33 4.11 10.01
C PRO B 166 -11.89 4.29 8.60
N ILE B 167 -12.50 3.27 8.05
CA ILE B 167 -13.26 3.35 6.80
C ILE B 167 -14.41 4.35 7.05
N VAL B 168 -14.71 5.11 6.01
CA VAL B 168 -15.76 6.15 6.12
C VAL B 168 -16.94 5.76 5.24
N GLU B 169 -18.14 6.09 5.72
CA GLU B 169 -19.37 5.83 4.99
C GLU B 169 -19.34 6.52 3.63
N ARG B 170 -19.85 5.84 2.61
CA ARG B 170 -19.81 6.30 1.24
C ARG B 170 -20.47 7.66 1.06
N PRO B 171 -21.61 8.01 1.65
CA PRO B 171 -22.12 9.37 1.45
C PRO B 171 -21.22 10.46 2.02
N VAL B 172 -20.52 10.25 3.12
CA VAL B 172 -19.53 11.14 3.66
C VAL B 172 -18.32 11.27 2.73
N CYS B 173 -17.88 10.16 2.12
CA CYS B 173 -16.81 10.20 1.15
C CYS B 173 -17.23 11.11 -0.01
N LYS B 174 -18.45 10.85 -0.47
CA LYS B 174 -18.96 11.58 -1.64
C LYS B 174 -19.09 13.08 -1.37
N ASP B 175 -19.61 13.45 -0.22
CA ASP B 175 -19.87 14.86 0.09
C ASP B 175 -18.62 15.63 0.45
N SER B 176 -17.47 14.95 0.50
CA SER B 176 -16.23 15.57 0.95
C SER B 176 -15.46 16.09 -0.25
N THR B 177 -15.94 15.80 -1.45
CA THR B 177 -15.19 16.17 -2.65
C THR B 177 -16.10 16.47 -3.82
N ARG B 178 -15.57 17.15 -4.81
CA ARG B 178 -16.25 17.41 -6.07
C ARG B 178 -15.89 16.32 -7.08
N ILE B 179 -14.86 15.50 -6.83
CA ILE B 179 -14.53 14.41 -7.75
C ILE B 179 -15.59 13.32 -7.75
N ARG B 180 -15.83 12.68 -8.88
CA ARG B 180 -16.77 11.59 -9.00
C ARG B 180 -16.20 10.28 -8.42
N ILE B 181 -16.80 9.78 -7.35
CA ILE B 181 -16.33 8.57 -6.66
C ILE B 181 -17.02 7.33 -7.22
N THR B 182 -16.31 6.23 -7.44
CA THR B 182 -16.86 5.00 -7.98
C THR B 182 -16.89 3.86 -6.96
N ASP B 183 -17.52 2.75 -7.36
CA ASP B 183 -17.62 1.58 -6.52
C ASP B 183 -16.27 0.87 -6.36
N ASN B 184 -15.29 1.22 -7.14
CA ASN B 184 -13.92 0.73 -7.15
C ASN B 184 -12.99 1.52 -6.23
N MET B 185 -13.57 2.36 -5.39
CA MET B 185 -12.87 3.19 -4.45
C MET B 185 -13.53 3.10 -3.08
N PHE B 186 -12.75 3.31 -2.03
CA PHE B 186 -13.30 3.63 -0.71
C PHE B 186 -12.46 4.73 -0.08
N CYS B 187 -13.01 5.39 0.94
CA CYS B 187 -12.24 6.44 1.60
C CYS B 187 -12.13 6.09 3.10
N ALA B 188 -11.07 6.60 3.69
CA ALA B 188 -10.74 6.32 5.08
C ALA B 188 -10.12 7.54 5.75
N GLY B 189 -10.35 7.67 7.06
CA GLY B 189 -9.78 8.78 7.80
C GLY B 189 -10.70 9.24 8.89
N TYR B 190 -10.18 10.05 9.81
CA TYR B 190 -11.02 10.58 10.87
C TYR B 190 -11.76 11.84 10.43
N LYS B 191 -12.92 12.02 11.06
CA LYS B 191 -13.75 13.22 10.88
C LYS B 191 -13.24 14.29 11.83
N PRO B 192 -13.49 15.54 11.48
CA PRO B 192 -12.98 16.65 12.30
C PRO B 192 -13.43 16.50 13.75
N ASP B 193 -14.65 16.02 13.92
CA ASP B 193 -15.24 15.84 15.24
C ASP B 193 -14.55 14.74 16.04
N GLU B 194 -13.98 13.78 15.32
CA GLU B 194 -13.42 12.58 15.94
C GLU B 194 -12.12 12.88 16.64
N GLY B 195 -11.59 14.08 16.44
CA GLY B 195 -10.35 14.41 17.13
C GLY B 195 -9.10 13.86 16.47
N LYS B 196 -8.81 12.57 16.61
CA LYS B 196 -7.62 11.94 16.05
C LYS B 196 -7.43 12.32 14.60
N ARG B 197 -6.21 12.14 14.07
CA ARG B 197 -6.10 12.47 12.63
C ARG B 197 -5.09 11.53 11.98
N GLY B 198 -4.60 11.84 10.79
CA GLY B 198 -3.72 10.93 10.08
C GLY B 198 -4.18 10.75 8.64
N ASP B 199 -3.21 10.53 7.74
CA ASP B 199 -3.59 10.33 6.36
C ASP B 199 -2.37 9.81 5.62
N ALA B 200 -2.63 9.29 4.43
CA ALA B 200 -1.55 9.04 3.50
C ALA B 200 -1.23 10.38 2.81
N CYS B 201 -0.18 10.42 2.03
CA CYS B 201 0.22 11.63 1.31
C CYS B 201 1.08 11.25 0.12
N GLU B 202 1.56 12.24 -0.63
CA GLU B 202 2.40 11.97 -1.79
C GLU B 202 3.60 11.13 -1.36
N GLY B 203 3.95 10.16 -2.18
CA GLY B 203 5.01 9.20 -1.89
C GLY B 203 4.48 7.89 -1.32
N ASP B 204 3.29 7.91 -0.74
CA ASP B 204 2.62 6.77 -0.12
C ASP B 204 1.80 6.00 -1.15
N SER B 205 1.52 6.66 -2.26
CA SER B 205 0.91 6.10 -3.44
C SER B 205 1.36 4.67 -3.70
N GLY B 206 0.39 3.80 -3.93
CA GLY B 206 0.57 2.43 -4.38
C GLY B 206 0.75 1.45 -3.24
N GLY B 207 0.95 1.98 -2.04
CA GLY B 207 1.14 1.18 -0.84
C GLY B 207 -0.18 0.62 -0.36
N PRO B 208 -0.10 -0.33 0.57
CA PRO B 208 -1.29 -1.04 1.01
C PRO B 208 -2.04 -0.44 2.20
N PHE B 209 -3.35 -0.61 2.12
CA PHE B 209 -4.33 -0.41 3.18
C PHE B 209 -4.68 -1.84 3.65
N VAL B 210 -4.23 -2.23 4.85
CA VAL B 210 -4.41 -3.60 5.30
C VAL B 210 -5.33 -3.67 6.52
N MET B 211 -5.99 -4.82 6.62
CA MET B 211 -6.78 -5.13 7.82
C MET B 211 -6.45 -6.50 8.37
N LYS B 212 -6.48 -6.68 9.69
CA LYS B 212 -6.24 -8.00 10.24
C LYS B 212 -7.54 -8.74 10.52
N SER B 213 -7.75 -9.80 9.77
CA SER B 213 -8.98 -10.55 9.91
C SER B 213 -9.06 -11.14 11.33
N PRO B 214 -10.18 -10.91 11.99
CA PRO B 214 -10.37 -11.50 13.33
C PRO B 214 -10.88 -12.94 13.29
N PHE B 215 -11.14 -13.45 12.10
CA PHE B 215 -11.58 -14.81 11.87
C PHE B 215 -10.42 -15.77 11.78
N ASN B 216 -9.34 -15.34 11.11
CA ASN B 216 -8.17 -16.22 10.96
C ASN B 216 -6.81 -15.61 11.28
N ASN B 217 -6.81 -14.40 11.79
CA ASN B 217 -5.75 -13.56 12.28
C ASN B 217 -4.66 -13.37 11.23
N ARG B 218 -5.07 -13.32 9.97
CA ARG B 218 -4.20 -13.00 8.86
C ARG B 218 -4.51 -11.58 8.33
N TRP B 219 -3.46 -10.97 7.80
CA TRP B 219 -3.53 -9.63 7.24
C TRP B 219 -3.94 -9.69 5.77
N TYR B 220 -4.92 -8.91 5.41
CA TYR B 220 -5.42 -8.80 4.06
C TYR B 220 -5.28 -7.37 3.51
N GLN B 221 -4.87 -7.29 2.25
CA GLN B 221 -4.79 -5.95 1.66
C GLN B 221 -6.14 -5.59 1.01
N MET B 222 -6.84 -4.67 1.65
CA MET B 222 -8.15 -4.25 1.19
C MET B 222 -8.05 -3.07 0.22
N GLY B 223 -7.02 -2.24 0.33
CA GLY B 223 -6.93 -1.05 -0.51
C GLY B 223 -5.53 -0.76 -0.98
N ILE B 224 -5.45 0.11 -1.97
CA ILE B 224 -4.23 0.69 -2.46
C ILE B 224 -4.29 2.21 -2.34
N VAL B 225 -3.24 2.81 -1.79
CA VAL B 225 -3.22 4.28 -1.66
C VAL B 225 -3.36 4.90 -3.04
N SER B 226 -4.39 5.70 -3.28
CA SER B 226 -4.61 6.18 -4.65
C SER B 226 -4.60 7.69 -4.77
N TRP B 227 -5.44 8.40 -4.02
CA TRP B 227 -5.54 9.84 -4.27
C TRP B 227 -6.15 10.55 -3.09
N GLY B 228 -6.04 11.88 -3.14
CA GLY B 228 -6.57 12.71 -2.09
C GLY B 228 -6.38 14.17 -2.51
N GLU B 229 -6.92 15.04 -1.70
CA GLU B 229 -6.82 16.48 -2.00
C GLU B 229 -6.15 17.10 -0.78
N GLY B 230 -4.87 17.42 -0.98
CA GLY B 230 -4.03 17.77 0.16
C GLY B 230 -3.71 16.49 0.95
N CYS B 231 -3.31 16.64 2.19
CA CYS B 231 -3.03 15.53 3.08
C CYS B 231 -3.44 15.91 4.51
N ASP B 232 -4.26 15.06 5.14
CA ASP B 232 -4.69 15.21 6.52
C ASP B 232 -5.43 16.54 6.69
N ARG B 233 -6.20 16.94 5.68
CA ARG B 233 -7.03 18.15 5.83
C ARG B 233 -8.31 17.84 6.57
N ASP B 234 -8.74 18.72 7.48
CA ASP B 234 -10.07 18.50 8.07
C ASP B 234 -11.14 18.45 6.99
N GLY B 235 -12.08 17.51 7.12
CA GLY B 235 -13.15 17.34 6.19
C GLY B 235 -12.85 16.63 4.89
N LYS B 236 -11.62 16.22 4.66
CA LYS B 236 -11.16 15.43 3.51
C LYS B 236 -10.69 14.06 4.06
N TYR B 237 -10.74 13.10 3.16
CA TYR B 237 -10.45 11.70 3.36
C TYR B 237 -9.56 11.17 2.25
N GLY B 238 -8.70 10.22 2.62
CA GLY B 238 -7.86 9.56 1.64
C GLY B 238 -8.70 8.57 0.85
N PHE B 239 -8.43 8.43 -0.44
CA PHE B 239 -9.10 7.46 -1.29
C PHE B 239 -8.16 6.33 -1.67
N TYR B 240 -8.75 5.14 -1.69
CA TYR B 240 -8.09 3.85 -1.86
C TYR B 240 -8.77 3.06 -2.97
N THR B 241 -7.96 2.44 -3.79
CA THR B 241 -8.44 1.46 -4.75
C THR B 241 -9.01 0.27 -4.01
N HIS B 242 -10.20 -0.18 -4.40
CA HIS B 242 -10.90 -1.29 -3.75
C HIS B 242 -10.43 -2.60 -4.34
N VAL B 243 -9.51 -3.26 -3.61
CA VAL B 243 -8.79 -4.38 -4.17
C VAL B 243 -9.74 -5.50 -4.54
N PHE B 244 -10.70 -5.80 -3.67
CA PHE B 244 -11.58 -6.93 -3.90
C PHE B 244 -12.42 -6.75 -5.17
N ARG B 245 -12.80 -5.52 -5.44
CA ARG B 245 -13.62 -5.23 -6.62
C ARG B 245 -12.91 -5.48 -7.92
N LEU B 246 -11.59 -5.48 -7.92
CA LEU B 246 -10.75 -5.59 -9.12
C LEU B 246 -10.04 -6.94 -9.12
N LYS B 247 -10.48 -7.81 -8.23
CA LYS B 247 -9.82 -9.08 -7.99
C LYS B 247 -9.82 -9.98 -9.21
N LYS B 248 -10.92 -9.91 -9.96
CA LYS B 248 -11.02 -10.81 -11.12
C LYS B 248 -9.94 -10.46 -12.11
N TRP B 249 -9.68 -9.15 -12.27
CA TRP B 249 -8.62 -8.78 -13.19
C TRP B 249 -7.28 -9.25 -12.65
N ILE B 250 -7.08 -9.17 -11.32
CA ILE B 250 -5.80 -9.56 -10.76
C ILE B 250 -5.49 -11.03 -11.00
N GLN B 251 -6.52 -11.84 -10.76
CA GLN B 251 -6.29 -13.28 -10.88
C GLN B 251 -6.13 -13.69 -12.34
N LYS B 252 -6.93 -13.04 -13.16
CA LYS B 252 -6.86 -13.24 -14.61
C LYS B 252 -5.43 -12.99 -15.08
N VAL B 253 -4.80 -11.90 -14.67
CA VAL B 253 -3.44 -11.57 -15.07
C VAL B 253 -2.44 -12.61 -14.57
N ILE B 254 -2.52 -12.92 -13.29
CA ILE B 254 -1.60 -13.90 -12.71
C ILE B 254 -1.88 -15.27 -13.31
N ASP B 255 -3.16 -15.60 -13.49
CA ASP B 255 -3.44 -16.91 -14.10
C ASP B 255 -2.94 -16.99 -15.55
N GLN B 256 -3.07 -15.90 -16.30
CA GLN B 256 -2.69 -15.93 -17.72
C GLN B 256 -1.20 -15.72 -17.91
N PHE B 257 -0.54 -15.16 -16.89
CA PHE B 257 0.90 -14.92 -17.07
C PHE B 257 1.69 -15.56 -15.95
N GLY B 258 1.05 -16.48 -15.24
CA GLY B 258 1.63 -17.27 -14.17
C GLY B 258 2.50 -16.43 -13.24
N GLY C 1 19.29 10.92 -4.20
CA GLY C 1 19.69 12.27 -3.82
C GLY C 1 20.17 12.26 -2.38
N ASP C 2 19.24 11.89 -1.49
CA ASP C 2 19.55 11.63 -0.09
C ASP C 2 19.70 10.13 0.08
N PHE C 3 19.53 9.45 -1.06
CA PHE C 3 19.56 8.00 -0.99
C PHE C 3 20.99 7.48 -1.06
N GLU C 4 21.27 6.51 -0.21
CA GLU C 4 22.51 5.75 -0.30
C GLU C 4 22.54 5.00 -1.62
N GLU C 5 23.72 4.93 -2.23
CA GLU C 5 23.85 4.23 -3.50
C GLU C 5 23.62 2.73 -3.30
N ILE C 6 22.91 2.12 -4.25
CA ILE C 6 22.73 0.67 -4.15
C ILE C 6 23.87 -0.01 -4.89
N PRO C 7 24.18 -1.25 -4.55
CA PRO C 7 25.21 -1.99 -5.29
C PRO C 7 24.97 -1.91 -6.79
N GLU C 8 26.04 -1.57 -7.51
CA GLU C 8 26.02 -1.32 -8.94
C GLU C 8 25.36 -2.45 -9.71
N GLU C 9 25.47 -3.64 -9.16
CA GLU C 9 24.90 -4.86 -9.69
C GLU C 9 23.41 -4.75 -9.95
N TYS C 10 22.73 -3.93 -9.16
CA TYS C 10 21.25 -3.82 -9.42
CB TYS C 10 20.50 -3.45 -8.13
CG TYS C 10 20.73 -4.47 -7.04
CD1 TYS C 10 20.25 -5.80 -7.20
CD2 TYS C 10 21.35 -4.07 -5.84
CE1 TYS C 10 20.44 -6.75 -6.17
CE2 TYS C 10 21.57 -5.04 -4.84
CZ TYS C 10 21.13 -6.37 -4.99
OH TYS C 10 21.33 -7.30 -4.00
S TYS C 10 20.28 -7.47 -2.88
O1 TYS C 10 19.05 -8.14 -3.42
O2 TYS C 10 20.92 -8.51 -2.08
O3 TYS C 10 20.06 -6.21 -2.27
C TYS C 10 20.88 -2.78 -10.47
O TYS C 10 19.80 -2.93 -11.01
N5 31U D . -5.24 15.23 -6.32
C4 31U D . -5.34 14.26 -7.44
C33 31U D . -6.82 13.80 -7.62
C17 31U D . -7.14 12.76 -8.75
C12 31U D . -7.11 13.33 -10.19
C49 31U D . -8.51 12.02 -8.59
C14 31U D . -4.44 13.06 -7.06
O32 31U D . -4.55 12.70 -5.90
N1 31U D . -3.65 12.52 -7.91
C1 31U D . -2.92 11.33 -7.55
C7 31U D . -2.05 11.53 -6.31
O22 31U D . -1.50 12.62 -6.24
C2 31U D . -2.01 11.21 -8.80
C3 31U D . -2.54 12.21 -9.84
C32 31U D . -3.49 13.20 -9.19
N23 31U D . -1.94 10.54 -5.51
C24 31U D . -1.04 10.77 -4.37
C25 31U D . -1.85 10.92 -3.07
C30 31U D . -2.34 12.16 -2.66
C29 31U D . -3.08 12.31 -1.49
C28 31U D . -3.35 11.20 -0.68
C21 31U D . -4.15 11.33 0.59
N46 31U D . -4.29 12.50 1.10
N47 31U D . -4.66 10.28 1.12
C27 31U D . -2.85 9.96 -1.10
C26 31U D . -2.11 9.80 -2.28
NA NA E . -8.93 14.46 6.97
NA NA F . -19.45 15.48 -3.84
#